data_1LVL
#
_entry.id   1LVL
#
_cell.length_a   64.320
_cell.length_b   108.120
_cell.length_c   151.080
_cell.angle_alpha   90.00
_cell.angle_beta   90.00
_cell.angle_gamma   90.00
#
_symmetry.space_group_name_H-M   'C 2 2 21'
#
loop_
_entity.id
_entity.type
_entity.pdbx_description
1 polymer 'DIHYDROLIPOAMIDE DEHYDROGENASE'
2 non-polymer 'FLAVIN-ADENINE DINUCLEOTIDE'
3 non-polymer NICOTINAMIDE-ADENINE-DINUCLEOTIDE
4 water water
#
_entity_poly.entity_id   1
_entity_poly.type   'polypeptide(L)'
_entity_poly.pdbx_seq_one_letter_code
;QQTIQTTLLIIGGGPGGYVAAIRAGQLGIPTVLVEGQALGGTCLNIGCIPSKALIHVAEQFHQASRFTEPSPLGISVASP
RLDIGQSVAWKDGIVDRLTTGVAALLKKHGVKVVHGWAKVLDGKQVEVDGQRIQCEHLLLATGSSSVELPMLPLGGPVIS
STEALAPKALPQHLVVVGGGYIGLELGIAYRKLGAQVSVVEARERILPTYDSELTAPVAESLKKLGIALHLGHSVEGYEN
GCLLANDGKGGQLRLEADRVLVAVGRRPRTKGFNLECLDLKMNGAAIAIDERCQTSMHNVWAIGDVAGEPMLAHRAMAQG
EMVAEIIAGKARRFEPAAIAAVCFTDPEVVVVGKTPEQASQQGLDCIVAQFPFAANGRAMSLESKSGFVRVVARRDNHLI
LGWQAVGVAVSELSTAFAQSLEMGACLEDVAGTIHAHPTLGEAVQEAALRALGHALHI
;
_entity_poly.pdbx_strand_id   A
#
# COMPACT_ATOMS: atom_id res chain seq x y z
N GLN A 1 -13.46 7.26 -38.17
CA GLN A 1 -13.80 7.55 -36.80
C GLN A 1 -13.12 8.89 -36.65
N GLN A 2 -13.72 9.79 -35.86
CA GLN A 2 -13.29 11.19 -35.80
C GLN A 2 -12.67 11.70 -34.50
N THR A 3 -11.94 12.79 -34.67
CA THR A 3 -11.27 13.47 -33.57
C THR A 3 -12.26 13.80 -32.43
N ILE A 4 -11.96 13.23 -31.25
CA ILE A 4 -12.56 13.68 -30.00
C ILE A 4 -11.65 14.88 -29.67
N GLN A 5 -12.03 16.03 -29.12
CA GLN A 5 -11.06 17.07 -28.84
C GLN A 5 -11.49 17.58 -27.47
N THR A 6 -10.64 17.66 -26.45
CA THR A 6 -11.05 18.04 -25.10
C THR A 6 -10.20 19.12 -24.55
N THR A 7 -10.38 19.39 -23.27
CA THR A 7 -9.37 20.18 -22.58
C THR A 7 -8.50 19.15 -21.84
N LEU A 8 -9.03 18.23 -21.02
CA LEU A 8 -8.16 17.43 -20.22
C LEU A 8 -8.40 16.02 -20.61
N LEU A 9 -7.23 15.48 -20.97
CA LEU A 9 -7.16 14.07 -21.31
C LEU A 9 -6.33 13.41 -20.21
N ILE A 10 -6.79 12.27 -19.72
CA ILE A 10 -6.16 11.56 -18.64
C ILE A 10 -5.91 10.16 -19.16
N ILE A 11 -4.66 9.68 -19.00
CA ILE A 11 -4.29 8.34 -19.46
C ILE A 11 -4.31 7.45 -18.22
N GLY A 12 -5.19 6.48 -18.12
CA GLY A 12 -5.28 5.67 -16.90
C GLY A 12 -6.44 6.01 -15.93
N GLY A 13 -7.13 4.97 -15.50
CA GLY A 13 -8.37 5.12 -14.75
C GLY A 13 -8.35 4.46 -13.37
N GLY A 14 -7.20 4.57 -12.74
CA GLY A 14 -7.08 4.07 -11.40
C GLY A 14 -7.17 5.28 -10.49
N PRO A 15 -6.96 5.09 -9.18
CA PRO A 15 -7.08 6.11 -8.13
C PRO A 15 -6.78 7.53 -8.49
N GLY A 16 -5.68 7.75 -9.21
CA GLY A 16 -5.21 9.08 -9.54
C GLY A 16 -6.02 9.66 -10.67
N GLY A 17 -6.33 8.76 -11.58
CA GLY A 17 -7.03 9.12 -12.77
C GLY A 17 -8.49 9.42 -12.46
N TYR A 18 -9.26 8.45 -11.94
CA TYR A 18 -10.66 8.71 -11.78
C TYR A 18 -10.93 9.83 -10.80
N VAL A 19 -10.10 10.18 -9.83
CA VAL A 19 -10.36 11.33 -8.98
C VAL A 19 -9.87 12.60 -9.68
N ALA A 20 -8.91 12.58 -10.62
CA ALA A 20 -8.59 13.79 -11.35
C ALA A 20 -9.82 14.06 -12.22
N ALA A 21 -10.36 13.02 -12.84
CA ALA A 21 -11.57 13.10 -13.66
C ALA A 21 -12.73 13.68 -12.86
N ILE A 22 -13.29 12.93 -11.86
CA ILE A 22 -14.41 13.30 -11.01
C ILE A 22 -14.19 14.72 -10.58
N ARG A 23 -13.12 15.21 -9.95
CA ARG A 23 -13.03 16.64 -9.63
C ARG A 23 -12.97 17.52 -10.84
N ALA A 24 -12.40 17.13 -12.00
CA ALA A 24 -12.42 18.00 -13.17
C ALA A 24 -13.86 17.98 -13.75
N GLY A 25 -14.59 16.86 -13.89
CA GLY A 25 -16.00 16.89 -14.23
C GLY A 25 -16.74 17.85 -13.26
N GLN A 26 -16.54 17.69 -11.96
CA GLN A 26 -17.12 18.54 -10.94
C GLN A 26 -16.82 20.01 -11.14
N LEU A 27 -15.57 20.33 -11.44
CA LEU A 27 -15.20 21.72 -11.63
C LEU A 27 -15.63 22.18 -13.03
N GLY A 28 -16.14 21.26 -13.87
CA GLY A 28 -16.63 21.54 -15.21
C GLY A 28 -15.56 21.72 -16.28
N ILE A 29 -14.45 20.98 -16.24
CA ILE A 29 -13.48 21.04 -17.31
C ILE A 29 -13.89 19.87 -18.17
N PRO A 30 -13.98 20.03 -19.52
CA PRO A 30 -14.16 18.95 -20.49
C PRO A 30 -13.01 17.96 -20.31
N THR A 31 -13.43 16.73 -20.07
CA THR A 31 -12.50 15.74 -19.59
C THR A 31 -12.74 14.44 -20.25
N VAL A 32 -11.66 13.74 -20.60
CA VAL A 32 -11.85 12.39 -21.08
C VAL A 32 -10.71 11.56 -20.48
N LEU A 33 -11.08 10.33 -20.22
CA LEU A 33 -10.23 9.40 -19.55
C LEU A 33 -10.14 8.23 -20.47
N VAL A 34 -8.90 7.78 -20.73
CA VAL A 34 -8.65 6.57 -21.50
C VAL A 34 -8.31 5.38 -20.56
N GLU A 35 -8.83 4.17 -20.79
CA GLU A 35 -8.52 3.13 -19.85
C GLU A 35 -8.59 1.80 -20.54
N GLY A 36 -7.35 1.28 -20.64
CA GLY A 36 -7.13 0.04 -21.34
C GLY A 36 -7.92 -1.11 -20.82
N GLN A 37 -7.79 -1.26 -19.52
CA GLN A 37 -8.28 -2.47 -18.93
C GLN A 37 -9.60 -2.43 -18.16
N ALA A 38 -9.69 -1.78 -16.99
CA ALA A 38 -10.94 -1.66 -16.21
C ALA A 38 -10.66 -0.57 -15.22
N LEU A 39 -11.71 0.12 -14.79
CA LEU A 39 -11.58 1.29 -13.93
C LEU A 39 -11.25 0.92 -12.49
N GLY A 40 -10.70 1.91 -11.80
CA GLY A 40 -10.24 1.67 -10.47
C GLY A 40 -8.79 1.28 -10.50
N GLY A 41 -8.34 0.48 -11.42
CA GLY A 41 -6.91 0.34 -11.52
C GLY A 41 -6.48 -0.88 -10.78
N THR A 42 -5.19 -0.80 -10.42
CA THR A 42 -4.53 -1.79 -9.60
C THR A 42 -5.21 -1.84 -8.22
N CYS A 43 -5.33 -0.75 -7.45
CA CYS A 43 -6.07 -0.74 -6.19
C CYS A 43 -7.37 -1.51 -6.24
N LEU A 44 -8.30 -1.16 -7.11
CA LEU A 44 -9.55 -1.82 -6.98
C LEU A 44 -9.56 -3.17 -7.50
N ASN A 45 -8.84 -3.48 -8.57
CA ASN A 45 -9.01 -4.81 -9.19
C ASN A 45 -8.08 -5.95 -8.79
N ILE A 46 -6.81 -5.55 -8.46
CA ILE A 46 -5.70 -6.50 -8.15
C ILE A 46 -4.70 -5.85 -7.15
N GLY A 47 -5.16 -5.13 -6.13
CA GLY A 47 -4.30 -4.50 -5.16
C GLY A 47 -5.09 -4.33 -3.88
N CYS A 48 -5.21 -3.05 -3.46
CA CYS A 48 -6.05 -2.58 -2.33
C CYS A 48 -7.25 -3.41 -1.88
N ILE A 49 -8.38 -3.34 -2.56
CA ILE A 49 -9.50 -4.07 -2.03
C ILE A 49 -9.32 -5.54 -2.08
N PRO A 50 -8.85 -6.27 -3.07
CA PRO A 50 -8.83 -7.74 -3.01
C PRO A 50 -7.82 -8.33 -2.07
N SER A 51 -6.74 -7.57 -1.74
CA SER A 51 -5.80 -8.08 -0.76
C SER A 51 -6.44 -7.98 0.64
N LYS A 52 -6.81 -6.75 1.11
CA LYS A 52 -7.47 -6.54 2.41
C LYS A 52 -8.69 -7.41 2.52
N ALA A 53 -9.44 -7.72 1.46
CA ALA A 53 -10.55 -8.65 1.59
C ALA A 53 -10.06 -10.08 1.69
N LEU A 54 -8.92 -10.47 1.10
CA LEU A 54 -8.49 -11.86 1.32
C LEU A 54 -7.97 -11.99 2.74
N ILE A 55 -7.26 -10.97 3.26
CA ILE A 55 -6.70 -10.88 4.61
C ILE A 55 -7.86 -11.09 5.60
N HIS A 56 -8.98 -10.37 5.45
CA HIS A 56 -10.15 -10.61 6.26
C HIS A 56 -10.62 -12.05 6.18
N VAL A 57 -10.81 -12.72 5.06
CA VAL A 57 -11.32 -14.09 5.10
C VAL A 57 -10.26 -15.00 5.66
N ALA A 58 -8.98 -14.67 5.53
CA ALA A 58 -7.93 -15.48 6.11
C ALA A 58 -8.10 -15.34 7.64
N GLU A 59 -8.25 -14.13 8.22
CA GLU A 59 -8.48 -13.90 9.67
C GLU A 59 -9.63 -14.69 10.25
N GLN A 60 -10.80 -14.67 9.61
CA GLN A 60 -11.93 -15.51 10.03
C GLN A 60 -11.72 -16.99 9.90
N PHE A 61 -10.89 -17.47 8.99
CA PHE A 61 -10.60 -18.91 8.92
C PHE A 61 -9.65 -19.27 10.06
N HIS A 62 -8.64 -18.44 10.26
CA HIS A 62 -7.67 -18.66 11.31
C HIS A 62 -8.33 -18.68 12.66
N GLN A 63 -9.11 -17.65 13.04
CA GLN A 63 -9.81 -17.58 14.31
C GLN A 63 -10.73 -18.76 14.50
N ALA A 64 -11.59 -19.23 13.58
CA ALA A 64 -12.26 -20.48 13.84
C ALA A 64 -11.29 -21.65 13.78
N SER A 65 -10.07 -21.62 13.20
CA SER A 65 -9.13 -22.74 13.31
C SER A 65 -8.51 -22.90 14.68
N ARG A 66 -8.12 -21.79 15.32
CA ARG A 66 -7.55 -21.86 16.64
C ARG A 66 -8.48 -22.55 17.65
N PHE A 67 -9.80 -22.46 17.47
CA PHE A 67 -10.70 -23.12 18.38
C PHE A 67 -10.82 -24.64 18.25
N THR A 68 -9.90 -25.28 17.51
CA THR A 68 -9.85 -26.72 17.53
C THR A 68 -8.92 -27.13 18.67
N GLU A 69 -7.97 -26.24 18.98
CA GLU A 69 -7.05 -26.39 20.08
C GLU A 69 -7.72 -25.67 21.27
N PRO A 70 -7.39 -25.99 22.52
CA PRO A 70 -7.88 -25.27 23.69
C PRO A 70 -7.48 -23.84 23.65
N SER A 71 -8.45 -23.02 24.06
CA SER A 71 -8.25 -21.59 24.15
C SER A 71 -8.64 -21.18 25.56
N PRO A 72 -8.09 -20.13 26.18
CA PRO A 72 -8.64 -19.55 27.40
C PRO A 72 -10.00 -18.92 27.23
N LEU A 73 -10.52 -18.75 26.01
CA LEU A 73 -11.83 -18.17 25.84
C LEU A 73 -12.95 -19.20 26.06
N GLY A 74 -12.67 -20.49 26.12
CA GLY A 74 -13.68 -21.51 26.36
C GLY A 74 -14.50 -21.89 25.15
N ILE A 75 -14.26 -21.35 23.95
CA ILE A 75 -15.01 -21.70 22.72
C ILE A 75 -14.32 -22.91 22.07
N SER A 76 -15.12 -23.84 21.51
CA SER A 76 -14.58 -25.01 20.82
C SER A 76 -15.38 -25.31 19.52
N VAL A 77 -14.76 -25.62 18.38
CA VAL A 77 -15.49 -25.98 17.18
C VAL A 77 -14.74 -27.16 16.59
N ALA A 78 -15.42 -28.02 15.87
CA ALA A 78 -14.78 -29.09 15.12
C ALA A 78 -14.86 -28.77 13.62
N SER A 79 -13.98 -29.42 12.83
CA SER A 79 -13.96 -29.40 11.35
C SER A 79 -13.91 -28.11 10.52
N PRO A 80 -12.95 -27.19 10.78
CA PRO A 80 -12.87 -25.95 10.02
C PRO A 80 -12.51 -26.25 8.54
N ARG A 81 -13.28 -25.80 7.56
CA ARG A 81 -13.01 -26.09 6.17
C ARG A 81 -13.06 -24.79 5.43
N LEU A 82 -12.20 -24.72 4.41
CA LEU A 82 -12.07 -23.56 3.53
C LEU A 82 -11.80 -24.11 2.16
N ASP A 83 -12.73 -23.76 1.30
CA ASP A 83 -12.62 -24.06 -0.11
C ASP A 83 -12.76 -22.63 -0.62
N ILE A 84 -11.59 -22.17 -1.10
CA ILE A 84 -11.32 -20.77 -1.46
C ILE A 84 -12.03 -20.24 -2.68
N GLY A 85 -12.67 -21.13 -3.42
CA GLY A 85 -13.47 -20.68 -4.55
C GLY A 85 -14.45 -19.58 -4.12
N GLN A 86 -15.20 -19.91 -3.07
CA GLN A 86 -16.17 -19.00 -2.49
C GLN A 86 -15.53 -17.77 -1.89
N SER A 87 -14.36 -17.86 -1.26
CA SER A 87 -13.66 -16.70 -0.70
C SER A 87 -13.35 -15.73 -1.82
N VAL A 88 -12.92 -16.31 -2.94
CA VAL A 88 -12.63 -15.49 -4.10
C VAL A 88 -13.90 -14.95 -4.77
N ALA A 89 -14.96 -15.74 -4.94
CA ALA A 89 -16.18 -15.24 -5.52
C ALA A 89 -16.59 -14.05 -4.67
N TRP A 90 -16.53 -14.16 -3.33
CA TRP A 90 -16.90 -13.07 -2.42
C TRP A 90 -16.13 -11.78 -2.72
N LYS A 91 -14.83 -12.00 -2.91
CA LYS A 91 -13.88 -10.92 -3.13
C LYS A 91 -14.17 -10.16 -4.39
N ASP A 92 -14.54 -10.97 -5.37
CA ASP A 92 -14.89 -10.46 -6.68
C ASP A 92 -16.18 -9.65 -6.70
N GLY A 93 -17.21 -9.98 -5.89
CA GLY A 93 -18.41 -9.17 -5.77
C GLY A 93 -18.14 -7.73 -5.32
N ILE A 94 -17.26 -7.64 -4.32
CA ILE A 94 -16.84 -6.35 -3.71
C ILE A 94 -16.11 -5.52 -4.75
N VAL A 95 -15.17 -6.11 -5.50
CA VAL A 95 -14.44 -5.36 -6.50
C VAL A 95 -15.43 -4.85 -7.53
N ASP A 96 -16.36 -5.76 -7.89
CA ASP A 96 -17.43 -5.45 -8.81
C ASP A 96 -18.23 -4.24 -8.32
N ARG A 97 -18.85 -4.27 -7.13
CA ARG A 97 -19.57 -3.12 -6.62
C ARG A 97 -18.80 -1.83 -6.63
N LEU A 98 -17.50 -1.93 -6.49
CA LEU A 98 -16.79 -0.67 -6.38
C LEU A 98 -16.41 -0.09 -7.72
N THR A 99 -16.21 -0.92 -8.74
CA THR A 99 -15.82 -0.43 -10.08
C THR A 99 -17.10 0.20 -10.63
N THR A 100 -18.20 -0.55 -10.56
CA THR A 100 -19.51 -0.07 -10.91
C THR A 100 -19.79 1.33 -10.40
N GLY A 101 -19.59 1.53 -9.12
CA GLY A 101 -19.83 2.81 -8.50
C GLY A 101 -18.95 3.91 -9.05
N VAL A 102 -17.71 3.57 -9.50
CA VAL A 102 -16.79 4.59 -10.05
C VAL A 102 -17.30 5.00 -11.43
N ALA A 103 -17.87 4.06 -12.22
CA ALA A 103 -18.51 4.38 -13.51
C ALA A 103 -19.65 5.37 -13.24
N ALA A 104 -20.59 5.00 -12.35
CA ALA A 104 -21.69 5.86 -11.94
C ALA A 104 -21.29 7.24 -11.66
N LEU A 105 -20.27 7.50 -10.88
CA LEU A 105 -19.86 8.87 -10.58
C LEU A 105 -19.14 9.50 -11.72
N LEU A 106 -18.57 8.71 -12.62
CA LEU A 106 -17.89 9.31 -13.75
C LEU A 106 -18.97 9.71 -14.75
N LYS A 107 -20.05 8.90 -14.90
CA LYS A 107 -21.20 9.22 -15.74
C LYS A 107 -21.89 10.46 -15.16
N LYS A 108 -22.25 10.37 -13.89
CA LYS A 108 -22.88 11.42 -13.11
C LYS A 108 -22.16 12.75 -13.40
N HIS A 109 -20.85 12.89 -13.23
CA HIS A 109 -20.18 14.15 -13.50
C HIS A 109 -19.83 14.39 -14.97
N GLY A 110 -20.26 13.42 -15.79
CA GLY A 110 -20.18 13.46 -17.24
C GLY A 110 -18.77 13.56 -17.77
N VAL A 111 -17.94 12.50 -17.63
CA VAL A 111 -16.64 12.53 -18.27
C VAL A 111 -16.75 11.39 -19.25
N LYS A 112 -16.10 11.54 -20.40
CA LYS A 112 -16.23 10.46 -21.36
C LYS A 112 -15.11 9.49 -21.03
N VAL A 113 -15.48 8.24 -20.92
CA VAL A 113 -14.51 7.24 -20.53
C VAL A 113 -14.40 6.44 -21.81
N VAL A 114 -13.19 6.32 -22.36
CA VAL A 114 -12.93 5.52 -23.55
C VAL A 114 -11.93 4.51 -23.06
N HIS A 115 -12.31 3.29 -23.43
CA HIS A 115 -11.49 2.12 -23.19
C HIS A 115 -10.21 1.95 -24.05
N GLY A 116 -9.63 0.78 -24.34
CA GLY A 116 -8.48 0.62 -25.20
C GLY A 116 -7.20 1.32 -24.74
N TRP A 117 -6.06 0.81 -25.26
CA TRP A 117 -4.81 1.40 -24.86
C TRP A 117 -4.49 2.61 -25.66
N ALA A 118 -3.74 3.53 -25.08
CA ALA A 118 -3.47 4.78 -25.71
C ALA A 118 -2.01 4.79 -26.02
N LYS A 119 -1.65 5.06 -27.27
CA LYS A 119 -0.28 5.22 -27.70
C LYS A 119 -0.21 6.69 -27.88
N VAL A 120 0.77 7.28 -27.18
CA VAL A 120 0.95 8.73 -27.19
C VAL A 120 1.51 9.12 -28.55
N LEU A 121 1.12 10.26 -29.12
CA LEU A 121 1.64 10.70 -30.41
C LEU A 121 2.42 11.96 -30.19
N ASP A 122 2.03 12.77 -29.21
CA ASP A 122 2.73 14.00 -28.88
C ASP A 122 2.07 14.53 -27.63
N GLY A 123 2.63 15.59 -27.06
CA GLY A 123 2.08 16.19 -25.87
C GLY A 123 0.92 17.09 -26.22
N LYS A 124 -0.13 16.44 -26.73
CA LYS A 124 -1.39 17.02 -27.20
C LYS A 124 -2.25 15.94 -27.86
N GLN A 125 -1.75 14.89 -28.52
CA GLN A 125 -2.65 13.94 -29.16
C GLN A 125 -2.23 12.58 -28.73
N VAL A 126 -3.15 11.66 -29.00
CA VAL A 126 -3.07 10.32 -28.52
C VAL A 126 -3.86 9.51 -29.50
N GLU A 127 -3.59 8.24 -29.66
CA GLU A 127 -4.36 7.40 -30.56
C GLU A 127 -4.82 6.24 -29.74
N VAL A 128 -6.11 5.97 -29.72
CA VAL A 128 -6.68 4.94 -28.90
C VAL A 128 -7.41 4.12 -29.91
N ASP A 129 -6.92 2.92 -30.19
CA ASP A 129 -7.57 2.01 -31.12
C ASP A 129 -8.05 2.58 -32.49
N GLY A 130 -7.41 3.67 -32.96
CA GLY A 130 -7.78 4.27 -34.23
C GLY A 130 -8.02 5.75 -34.08
N GLN A 131 -9.02 6.14 -33.28
CA GLN A 131 -9.33 7.53 -33.17
C GLN A 131 -8.32 8.25 -32.36
N ARG A 132 -7.99 9.34 -33.00
CA ARG A 132 -7.10 10.31 -32.44
C ARG A 132 -7.97 11.02 -31.42
N ILE A 133 -7.30 11.65 -30.45
CA ILE A 133 -7.90 12.40 -29.37
C ILE A 133 -6.89 13.47 -29.08
N GLN A 134 -7.34 14.69 -29.05
CA GLN A 134 -6.47 15.82 -28.81
C GLN A 134 -6.98 16.49 -27.53
N CYS A 135 -6.26 17.47 -27.00
CA CYS A 135 -6.53 18.00 -25.67
C CYS A 135 -5.58 19.16 -25.42
N GLU A 136 -5.78 19.90 -24.33
CA GLU A 136 -4.90 20.99 -23.96
C GLU A 136 -3.94 20.52 -22.87
N HIS A 137 -4.40 19.70 -21.90
CA HIS A 137 -3.57 19.13 -20.82
C HIS A 137 -3.78 17.62 -20.83
N LEU A 138 -2.60 17.02 -20.81
CA LEU A 138 -2.47 15.56 -20.85
C LEU A 138 -2.03 15.24 -19.44
N LEU A 139 -2.66 14.27 -18.82
CA LEU A 139 -2.36 13.87 -17.47
C LEU A 139 -2.13 12.40 -17.69
N LEU A 140 -0.97 11.92 -17.21
CA LEU A 140 -0.61 10.51 -17.35
C LEU A 140 -0.82 9.87 -15.98
N ALA A 141 -1.45 8.69 -15.91
CA ALA A 141 -1.70 7.98 -14.67
C ALA A 141 -1.82 6.51 -15.01
N THR A 142 -0.75 6.19 -15.71
CA THR A 142 -0.42 4.86 -16.23
C THR A 142 -0.07 3.83 -15.17
N GLY A 143 0.37 4.30 -14.00
CA GLY A 143 0.53 3.43 -12.84
C GLY A 143 1.91 2.82 -12.65
N SER A 144 1.94 1.50 -12.42
CA SER A 144 3.11 0.77 -12.01
C SER A 144 2.87 -0.67 -12.38
N SER A 145 3.97 -1.41 -12.47
CA SER A 145 3.83 -2.82 -12.74
C SER A 145 4.78 -3.57 -11.82
N SER A 146 4.65 -4.88 -11.62
CA SER A 146 5.52 -5.61 -10.74
C SER A 146 6.81 -6.04 -11.40
N VAL A 147 7.93 -5.85 -10.73
CA VAL A 147 9.23 -6.28 -11.24
C VAL A 147 9.31 -7.79 -11.31
N GLU A 148 9.71 -8.20 -12.53
CA GLU A 148 9.90 -9.59 -12.80
C GLU A 148 11.37 -9.94 -12.56
N LEU A 149 11.63 -11.16 -12.11
CA LEU A 149 13.00 -11.64 -11.90
C LEU A 149 13.49 -12.30 -13.20
N PRO A 150 14.67 -11.99 -13.79
CA PRO A 150 15.18 -12.61 -15.00
C PRO A 150 15.28 -14.13 -14.95
N MET A 151 15.92 -14.82 -14.00
CA MET A 151 15.90 -16.27 -14.09
C MET A 151 14.59 -16.88 -13.62
N LEU A 152 13.57 -16.07 -13.33
CA LEU A 152 12.35 -16.64 -12.80
C LEU A 152 11.19 -15.89 -13.42
N PRO A 153 10.85 -16.26 -14.65
CA PRO A 153 9.73 -15.71 -15.37
C PRO A 153 8.46 -16.14 -14.66
N LEU A 154 7.46 -15.27 -14.65
CA LEU A 154 6.18 -15.63 -14.11
C LEU A 154 5.62 -16.69 -15.06
N GLY A 155 4.65 -17.49 -14.62
CA GLY A 155 4.10 -18.55 -15.45
C GLY A 155 3.94 -19.77 -14.58
N GLY A 156 2.67 -20.14 -14.50
CA GLY A 156 2.24 -21.27 -13.68
C GLY A 156 2.56 -21.00 -12.21
N PRO A 157 3.12 -21.97 -11.52
CA PRO A 157 3.91 -21.87 -10.30
C PRO A 157 4.54 -20.59 -9.88
N VAL A 158 4.96 -19.68 -10.74
CA VAL A 158 5.54 -18.44 -10.28
C VAL A 158 4.39 -17.57 -10.68
N ILE A 159 3.79 -17.01 -9.64
CA ILE A 159 2.68 -16.09 -9.80
C ILE A 159 3.20 -14.77 -9.27
N SER A 160 2.47 -13.68 -9.36
CA SER A 160 2.84 -12.40 -8.77
C SER A 160 1.64 -12.03 -7.90
N SER A 161 1.54 -10.79 -7.37
CA SER A 161 0.41 -10.39 -6.54
C SER A 161 -0.93 -10.75 -7.15
N THR A 162 -1.12 -10.28 -8.37
CA THR A 162 -2.30 -10.50 -9.17
C THR A 162 -2.82 -11.92 -9.15
N GLU A 163 -1.98 -12.92 -9.34
CA GLU A 163 -2.48 -14.29 -9.32
C GLU A 163 -2.66 -14.84 -7.88
N ALA A 164 -1.92 -14.31 -6.88
CA ALA A 164 -2.02 -14.72 -5.46
C ALA A 164 -3.39 -14.29 -4.99
N LEU A 165 -3.87 -13.15 -5.45
CA LEU A 165 -5.21 -12.69 -5.21
C LEU A 165 -6.23 -13.46 -6.03
N ALA A 166 -5.92 -14.67 -6.50
CA ALA A 166 -6.87 -15.36 -7.34
C ALA A 166 -6.68 -16.85 -7.36
N PRO A 167 -6.56 -17.60 -6.27
CA PRO A 167 -6.57 -19.05 -6.27
C PRO A 167 -7.86 -19.77 -6.63
N LYS A 168 -7.64 -20.93 -7.21
CA LYS A 168 -8.71 -21.87 -7.34
C LYS A 168 -8.41 -23.07 -6.45
N ALA A 169 -7.16 -23.09 -5.93
CA ALA A 169 -6.67 -24.05 -4.94
C ALA A 169 -5.57 -23.37 -4.15
N LEU A 170 -5.20 -23.83 -2.96
CA LEU A 170 -4.16 -23.14 -2.19
C LEU A 170 -2.90 -23.98 -2.25
N PRO A 171 -1.72 -23.41 -2.11
CA PRO A 171 -0.47 -24.15 -2.16
C PRO A 171 -0.18 -25.10 -1.00
N GLN A 172 0.65 -26.11 -1.19
CA GLN A 172 1.08 -26.90 -0.06
C GLN A 172 2.18 -26.14 0.63
N HIS A 173 3.20 -25.62 -0.06
CA HIS A 173 4.24 -24.79 0.52
C HIS A 173 4.36 -23.67 -0.48
N LEU A 174 4.24 -22.44 -0.05
CA LEU A 174 4.37 -21.32 -0.93
C LEU A 174 5.66 -20.61 -0.51
N VAL A 175 6.61 -20.20 -1.38
CA VAL A 175 7.76 -19.41 -0.93
C VAL A 175 7.54 -17.97 -1.44
N VAL A 176 8.00 -16.95 -0.70
CA VAL A 176 7.72 -15.58 -0.99
C VAL A 176 9.03 -14.86 -1.01
N VAL A 177 9.33 -14.44 -2.23
CA VAL A 177 10.55 -13.78 -2.55
C VAL A 177 10.22 -12.31 -2.30
N GLY A 178 10.66 -11.73 -1.21
CA GLY A 178 10.38 -10.32 -0.92
C GLY A 178 9.56 -10.23 0.38
N GLY A 179 10.08 -9.44 1.29
CA GLY A 179 9.50 -9.31 2.60
C GLY A 179 9.24 -7.85 2.91
N GLY A 180 8.41 -7.27 2.02
CA GLY A 180 7.87 -5.90 2.07
C GLY A 180 6.35 -6.06 2.32
N TYR A 181 5.48 -5.01 2.28
CA TYR A 181 4.07 -5.24 2.65
C TYR A 181 3.26 -6.17 1.87
N ILE A 182 3.48 -6.18 0.54
CA ILE A 182 2.83 -7.14 -0.37
C ILE A 182 3.25 -8.56 0.01
N GLY A 183 4.54 -8.87 0.18
CA GLY A 183 4.90 -10.26 0.45
C GLY A 183 4.39 -10.76 1.78
N LEU A 184 4.60 -9.90 2.80
CA LEU A 184 4.15 -10.22 4.14
C LEU A 184 2.64 -10.27 4.19
N GLU A 185 1.86 -9.24 3.79
CA GLU A 185 0.39 -9.33 3.85
C GLU A 185 -0.14 -10.58 3.19
N LEU A 186 0.42 -10.93 2.05
CA LEU A 186 0.00 -12.14 1.34
C LEU A 186 0.49 -13.44 2.00
N GLY A 187 1.75 -13.44 2.48
CA GLY A 187 2.30 -14.61 3.17
C GLY A 187 1.48 -14.97 4.41
N ILE A 188 1.24 -13.99 5.30
CA ILE A 188 0.43 -14.22 6.49
C ILE A 188 -0.92 -14.75 6.10
N ALA A 189 -1.57 -14.07 5.16
CA ALA A 189 -2.85 -14.57 4.68
C ALA A 189 -2.75 -15.99 4.08
N TYR A 190 -1.64 -16.40 3.45
CA TYR A 190 -1.61 -17.75 2.92
C TYR A 190 -1.48 -18.79 4.01
N ARG A 191 -0.69 -18.40 5.01
CA ARG A 191 -0.52 -19.26 6.17
C ARG A 191 -1.87 -19.42 6.93
N LYS A 192 -2.62 -18.36 7.31
CA LYS A 192 -3.90 -18.52 8.04
C LYS A 192 -4.94 -19.29 7.28
N LEU A 193 -4.87 -19.22 5.93
CA LEU A 193 -5.76 -20.00 5.08
C LEU A 193 -5.41 -21.48 5.12
N GLY A 194 -4.20 -21.75 5.58
CA GLY A 194 -3.77 -23.11 5.83
C GLY A 194 -2.58 -23.55 5.02
N ALA A 195 -1.83 -22.72 4.29
CA ALA A 195 -0.76 -23.25 3.46
C ALA A 195 0.50 -23.05 4.23
N GLN A 196 1.49 -23.86 3.92
CA GLN A 196 2.78 -23.63 4.53
C GLN A 196 3.43 -22.44 3.86
N VAL A 197 4.21 -21.61 4.51
CA VAL A 197 4.79 -20.42 3.91
C VAL A 197 6.23 -20.14 4.36
N SER A 198 7.21 -19.73 3.53
CA SER A 198 8.55 -19.28 3.96
C SER A 198 8.72 -17.94 3.24
N VAL A 199 9.39 -16.95 3.79
CA VAL A 199 9.61 -15.64 3.22
C VAL A 199 11.10 -15.67 3.02
N VAL A 200 11.61 -15.24 1.88
CA VAL A 200 13.03 -15.21 1.65
C VAL A 200 13.24 -13.75 1.37
N GLU A 201 14.22 -13.13 2.01
CA GLU A 201 14.45 -11.74 1.82
C GLU A 201 15.94 -11.49 1.91
N ALA A 202 16.38 -10.70 0.95
CA ALA A 202 17.77 -10.32 0.73
C ALA A 202 18.39 -9.34 1.70
N ARG A 203 17.70 -8.87 2.72
CA ARG A 203 18.38 -7.93 3.62
C ARG A 203 18.41 -8.53 5.00
N GLU A 204 18.92 -7.72 5.93
CA GLU A 204 18.99 -8.03 7.35
C GLU A 204 17.71 -8.58 7.94
N ARG A 205 16.60 -7.95 7.54
CA ARG A 205 15.30 -8.21 8.11
C ARG A 205 14.13 -7.81 7.20
N ILE A 206 12.97 -8.35 7.62
CA ILE A 206 11.63 -8.09 7.11
C ILE A 206 11.42 -6.60 7.19
N LEU A 207 10.72 -6.03 6.26
CA LEU A 207 10.46 -4.59 6.19
C LEU A 207 11.67 -3.74 6.46
N PRO A 208 12.75 -3.99 5.70
CA PRO A 208 14.04 -3.32 5.84
C PRO A 208 14.07 -1.81 5.75
N THR A 209 12.96 -1.20 5.37
CA THR A 209 12.80 0.26 5.31
C THR A 209 12.61 0.87 6.71
N TYR A 210 12.07 0.00 7.56
CA TYR A 210 11.70 0.30 8.92
C TYR A 210 12.63 -0.41 9.88
N ASP A 211 12.92 0.45 10.88
CA ASP A 211 13.70 0.10 12.06
C ASP A 211 13.20 -1.14 12.79
N SER A 212 14.14 -1.72 13.50
CA SER A 212 13.96 -3.01 14.13
C SER A 212 13.07 -2.97 15.37
N GLU A 213 13.02 -1.80 16.03
CA GLU A 213 12.13 -1.62 17.18
C GLU A 213 10.69 -1.92 16.81
N LEU A 214 10.26 -1.25 15.74
CA LEU A 214 8.94 -1.35 15.10
C LEU A 214 8.65 -2.67 14.42
N THR A 215 9.58 -3.14 13.63
CA THR A 215 9.38 -4.32 12.84
C THR A 215 9.43 -5.63 13.61
N ALA A 216 10.08 -5.59 14.79
CA ALA A 216 10.30 -6.78 15.62
C ALA A 216 9.04 -7.54 16.05
N PRO A 217 7.94 -6.87 16.48
CA PRO A 217 6.63 -7.51 16.71
C PRO A 217 6.11 -8.34 15.53
N VAL A 218 6.25 -7.82 14.30
CA VAL A 218 5.78 -8.59 13.15
C VAL A 218 6.60 -9.90 13.00
N ALA A 219 7.92 -9.75 13.06
CA ALA A 219 8.79 -10.90 12.98
C ALA A 219 8.43 -12.04 13.91
N GLU A 220 8.20 -11.66 15.18
CA GLU A 220 7.80 -12.62 16.20
C GLU A 220 6.50 -13.33 15.90
N SER A 221 5.50 -12.66 15.30
CA SER A 221 4.25 -13.34 14.88
C SER A 221 4.48 -14.24 13.72
N LEU A 222 5.34 -13.89 12.75
CA LEU A 222 5.56 -14.81 11.64
C LEU A 222 6.18 -16.05 12.17
N LYS A 223 7.18 -15.84 13.05
CA LYS A 223 7.82 -16.96 13.72
C LYS A 223 6.76 -17.70 14.54
N LYS A 224 5.95 -17.07 15.39
CA LYS A 224 4.82 -17.78 16.02
C LYS A 224 3.87 -18.52 15.08
N LEU A 225 3.65 -17.95 13.90
CA LEU A 225 2.68 -18.51 12.98
C LEU A 225 3.18 -19.70 12.18
N GLY A 226 4.51 -19.91 12.16
CA GLY A 226 5.05 -21.07 11.43
C GLY A 226 5.60 -20.73 10.06
N ILE A 227 5.90 -19.44 9.93
CA ILE A 227 6.39 -18.88 8.71
C ILE A 227 7.91 -18.68 8.91
N ALA A 228 8.61 -19.54 8.16
CA ALA A 228 10.06 -19.54 8.12
C ALA A 228 10.58 -18.27 7.49
N LEU A 229 11.78 -17.86 7.79
CA LEU A 229 12.19 -16.54 7.43
C LEU A 229 13.67 -16.58 7.11
N HIS A 230 13.91 -16.82 5.82
CA HIS A 230 15.26 -16.87 5.29
C HIS A 230 15.73 -15.50 4.84
N LEU A 231 16.17 -14.74 5.83
CA LEU A 231 16.68 -13.40 5.55
C LEU A 231 18.09 -13.52 4.99
N GLY A 232 18.77 -12.45 4.56
CA GLY A 232 20.12 -12.59 4.02
C GLY A 232 20.24 -13.44 2.74
N HIS A 233 19.24 -14.21 2.32
CA HIS A 233 19.25 -14.97 1.10
C HIS A 233 18.65 -14.22 -0.10
N SER A 234 19.20 -14.40 -1.31
CA SER A 234 18.65 -13.86 -2.55
C SER A 234 18.21 -15.05 -3.42
N VAL A 235 17.15 -14.94 -4.22
CA VAL A 235 16.68 -16.07 -5.03
C VAL A 235 17.31 -16.12 -6.42
N GLU A 236 17.84 -17.30 -6.79
CA GLU A 236 18.52 -17.51 -8.08
C GLU A 236 17.75 -18.44 -9.01
N GLY A 237 16.83 -19.27 -8.57
CA GLY A 237 16.19 -20.16 -9.51
C GLY A 237 15.17 -21.03 -8.88
N TYR A 238 14.50 -21.76 -9.75
CA TYR A 238 13.50 -22.68 -9.31
C TYR A 238 13.70 -23.83 -10.29
N GLU A 239 14.37 -24.89 -9.80
CA GLU A 239 14.68 -26.04 -10.62
C GLU A 239 13.48 -26.95 -10.52
N ASN A 240 12.58 -26.56 -11.42
CA ASN A 240 11.27 -27.15 -11.61
C ASN A 240 10.62 -27.36 -10.24
N GLY A 241 10.79 -28.40 -9.41
CA GLY A 241 9.99 -28.52 -8.19
C GLY A 241 10.64 -28.01 -6.89
N CYS A 242 11.68 -27.15 -6.96
CA CYS A 242 12.53 -26.80 -5.82
C CYS A 242 13.12 -25.44 -6.03
N LEU A 243 13.30 -24.61 -5.01
CA LEU A 243 13.77 -23.24 -5.15
C LEU A 243 15.15 -23.16 -4.58
N LEU A 244 15.98 -22.34 -5.16
CA LEU A 244 17.36 -22.28 -4.73
C LEU A 244 17.64 -20.84 -4.42
N ALA A 245 18.27 -20.60 -3.31
CA ALA A 245 18.62 -19.25 -2.97
C ALA A 245 19.98 -19.38 -2.33
N ASN A 246 20.72 -18.32 -2.31
CA ASN A 246 22.10 -18.37 -1.84
C ASN A 246 22.29 -17.19 -0.90
N ASP A 247 23.16 -17.26 0.09
CA ASP A 247 23.44 -16.06 0.86
C ASP A 247 24.86 -15.57 0.64
N GLY A 248 24.83 -14.57 -0.23
CA GLY A 248 25.93 -13.69 -0.60
C GLY A 248 27.33 -14.26 -0.83
N LYS A 249 27.93 -14.77 0.23
CA LYS A 249 29.24 -15.34 0.12
C LYS A 249 28.90 -16.75 -0.37
N GLY A 250 28.43 -17.54 0.58
CA GLY A 250 28.19 -18.91 0.30
C GLY A 250 27.42 -19.47 1.46
N GLY A 251 26.20 -19.62 0.99
CA GLY A 251 25.16 -20.29 1.71
C GLY A 251 24.31 -20.92 0.65
N GLN A 252 23.50 -21.79 1.17
CA GLN A 252 22.67 -22.61 0.33
C GLN A 252 21.23 -22.25 0.69
N LEU A 253 20.40 -23.15 0.18
CA LEU A 253 19.01 -23.37 0.53
C LEU A 253 18.23 -23.80 -0.67
N ARG A 254 17.76 -25.02 -0.44
CA ARG A 254 16.95 -25.74 -1.38
C ARG A 254 15.65 -25.89 -0.57
N LEU A 255 14.63 -25.11 -0.96
CA LEU A 255 13.31 -25.14 -0.32
C LEU A 255 12.44 -25.83 -1.33
N GLU A 256 11.79 -26.94 -1.01
CA GLU A 256 10.91 -27.56 -1.98
C GLU A 256 9.60 -26.80 -1.83
N ALA A 257 9.35 -25.94 -2.82
CA ALA A 257 8.15 -25.13 -2.91
C ALA A 257 7.50 -25.49 -4.23
N ASP A 258 6.17 -25.41 -4.29
CA ASP A 258 5.40 -25.67 -5.50
C ASP A 258 4.58 -24.44 -5.85
N ARG A 259 5.00 -23.29 -5.32
CA ARG A 259 4.46 -21.98 -5.62
C ARG A 259 5.46 -21.09 -4.94
N VAL A 260 5.77 -20.09 -5.70
CA VAL A 260 6.70 -19.04 -5.38
C VAL A 260 5.93 -17.76 -5.73
N LEU A 261 6.20 -16.66 -5.04
CA LEU A 261 5.43 -15.48 -5.24
C LEU A 261 6.53 -14.48 -5.14
N VAL A 262 6.80 -13.88 -6.28
CA VAL A 262 7.85 -12.91 -6.37
C VAL A 262 7.16 -11.62 -5.93
N ALA A 263 7.69 -10.92 -4.97
CA ALA A 263 7.08 -9.71 -4.54
C ALA A 263 8.22 -8.82 -4.23
N VAL A 264 9.00 -8.72 -5.30
CA VAL A 264 10.27 -8.02 -5.23
C VAL A 264 10.27 -6.55 -5.62
N GLY A 265 9.08 -5.91 -5.77
CA GLY A 265 9.08 -4.45 -5.99
C GLY A 265 8.11 -3.93 -7.07
N ARG A 266 7.99 -2.61 -7.27
CA ARG A 266 7.07 -2.12 -8.29
C ARG A 266 7.69 -1.04 -9.10
N ARG A 267 7.61 -1.14 -10.41
CA ARG A 267 8.28 -0.19 -11.29
C ARG A 267 7.25 0.76 -11.93
N PRO A 268 7.46 2.07 -12.02
CA PRO A 268 6.67 2.98 -12.87
C PRO A 268 6.29 2.44 -14.27
N ARG A 269 5.05 2.58 -14.81
CA ARG A 269 4.73 2.05 -16.14
C ARG A 269 4.92 3.20 -17.11
N THR A 270 6.09 3.10 -17.72
CA THR A 270 6.58 4.07 -18.70
C THR A 270 6.84 3.47 -20.07
N LYS A 271 6.65 2.17 -20.26
CA LYS A 271 7.03 1.63 -21.54
C LYS A 271 5.86 0.83 -22.07
N GLY A 272 5.90 0.68 -23.40
CA GLY A 272 4.92 -0.14 -24.10
C GLY A 272 3.91 0.74 -24.80
N PHE A 273 3.89 2.02 -24.46
CA PHE A 273 3.06 3.02 -25.08
C PHE A 273 4.16 4.05 -25.29
N ASN A 274 3.94 4.87 -26.32
CA ASN A 274 4.96 5.77 -26.85
C ASN A 274 5.38 7.02 -26.06
N LEU A 275 5.65 6.82 -24.76
CA LEU A 275 5.98 7.91 -23.87
C LEU A 275 7.33 8.46 -24.20
N GLU A 276 8.08 7.57 -24.83
CA GLU A 276 9.45 7.83 -25.25
C GLU A 276 9.48 8.87 -26.35
N CYS A 277 8.40 9.14 -27.10
CA CYS A 277 8.41 10.23 -28.07
C CYS A 277 8.49 11.63 -27.49
N LEU A 278 8.55 11.81 -26.19
CA LEU A 278 8.47 13.12 -25.60
C LEU A 278 9.70 13.38 -24.75
N ASP A 279 10.05 14.66 -24.76
CA ASP A 279 11.20 15.20 -24.06
C ASP A 279 11.16 15.14 -22.51
N LEU A 280 10.67 14.07 -21.84
CA LEU A 280 10.45 14.16 -20.40
C LEU A 280 11.69 13.85 -19.57
N LYS A 281 11.98 14.71 -18.60
CA LYS A 281 13.10 14.54 -17.70
C LYS A 281 12.80 13.33 -16.84
N MET A 282 13.78 12.47 -16.50
CA MET A 282 13.48 11.38 -15.58
C MET A 282 14.23 11.33 -14.27
N ASN A 283 13.66 10.42 -13.47
CA ASN A 283 14.03 10.22 -12.08
C ASN A 283 13.98 8.71 -12.00
N GLY A 284 15.07 8.11 -12.50
CA GLY A 284 15.16 6.68 -12.56
C GLY A 284 14.07 6.16 -13.48
N ALA A 285 13.44 5.08 -13.04
CA ALA A 285 12.37 4.47 -13.78
C ALA A 285 11.08 5.27 -13.89
N ALA A 286 10.99 6.44 -13.25
CA ALA A 286 9.76 7.21 -13.15
C ALA A 286 9.81 8.58 -13.82
N ILE A 287 8.64 9.13 -14.11
CA ILE A 287 8.58 10.46 -14.69
C ILE A 287 8.90 11.51 -13.63
N ALA A 288 9.74 12.49 -13.92
CA ALA A 288 10.06 13.51 -12.94
C ALA A 288 8.91 14.49 -12.98
N ILE A 289 8.55 14.98 -11.81
CA ILE A 289 7.44 15.91 -11.68
C ILE A 289 7.83 16.93 -10.64
N ASP A 290 7.29 18.15 -10.79
CA ASP A 290 7.52 19.17 -9.78
C ASP A 290 6.41 19.09 -8.76
N GLU A 291 6.35 20.00 -7.77
CA GLU A 291 5.26 20.04 -6.78
C GLU A 291 3.85 20.31 -7.31
N ARG A 292 3.70 20.62 -8.61
CA ARG A 292 2.43 20.83 -9.25
C ARG A 292 2.12 19.63 -10.12
N CYS A 293 2.84 18.51 -9.92
CA CYS A 293 2.64 17.29 -10.69
C CYS A 293 2.75 17.46 -12.17
N GLN A 294 3.50 18.45 -12.63
CA GLN A 294 3.69 18.65 -14.06
C GLN A 294 5.04 18.11 -14.46
N THR A 295 5.12 17.50 -15.65
CA THR A 295 6.35 16.88 -16.19
C THR A 295 7.32 17.95 -16.70
N SER A 296 8.43 17.71 -17.43
CA SER A 296 9.19 18.81 -18.02
C SER A 296 8.52 19.40 -19.30
N MET A 297 7.45 18.79 -19.86
CA MET A 297 6.75 19.30 -21.03
C MET A 297 5.46 19.93 -20.50
N HIS A 298 5.46 21.26 -20.52
CA HIS A 298 4.39 22.15 -20.03
C HIS A 298 3.04 21.52 -19.74
N ASN A 299 2.09 21.35 -20.63
CA ASN A 299 0.79 20.94 -20.18
C ASN A 299 0.64 19.46 -20.08
N VAL A 300 1.72 18.81 -19.65
CA VAL A 300 1.68 17.38 -19.43
C VAL A 300 1.95 17.26 -17.93
N TRP A 301 1.16 16.39 -17.30
CA TRP A 301 1.03 16.19 -15.87
C TRP A 301 1.12 14.72 -15.54
N ALA A 302 1.79 14.37 -14.43
CA ALA A 302 1.93 12.99 -13.96
C ALA A 302 1.61 12.83 -12.45
N ILE A 303 0.90 11.75 -12.13
CA ILE A 303 0.46 11.47 -10.78
C ILE A 303 0.52 10.00 -10.45
N GLY A 304 0.47 9.70 -9.13
CA GLY A 304 0.47 8.30 -8.69
C GLY A 304 1.80 7.58 -8.97
N ASP A 305 1.66 6.30 -9.19
CA ASP A 305 2.80 5.44 -9.35
C ASP A 305 3.73 5.79 -10.49
N VAL A 306 3.24 6.37 -11.59
CA VAL A 306 4.12 6.69 -12.69
C VAL A 306 5.15 7.72 -12.29
N ALA A 307 4.81 8.49 -11.21
CA ALA A 307 5.67 9.51 -10.59
C ALA A 307 6.52 8.90 -9.44
N GLY A 308 6.42 7.56 -9.35
CA GLY A 308 7.14 6.70 -8.48
C GLY A 308 6.80 6.99 -7.04
N GLU A 309 7.69 7.92 -6.63
CA GLU A 309 7.97 8.43 -5.28
C GLU A 309 7.28 7.65 -4.15
N PRO A 310 6.40 7.93 -3.15
CA PRO A 310 5.77 6.82 -2.43
C PRO A 310 4.61 6.17 -3.18
N MET A 311 4.82 4.94 -3.57
CA MET A 311 3.79 4.21 -4.26
C MET A 311 2.57 3.68 -3.50
N LEU A 312 1.69 4.66 -3.22
CA LEU A 312 0.39 4.41 -2.56
C LEU A 312 -0.85 5.15 -3.14
N ALA A 313 -1.99 4.46 -3.15
CA ALA A 313 -3.29 4.97 -3.58
C ALA A 313 -3.69 6.33 -3.06
N HIS A 314 -3.80 6.59 -1.75
CA HIS A 314 -4.18 7.92 -1.27
C HIS A 314 -3.30 9.04 -1.76
N ARG A 315 -2.07 8.71 -2.21
CA ARG A 315 -1.11 9.70 -2.75
C ARG A 315 -1.56 10.10 -4.14
N ALA A 316 -2.00 9.09 -4.86
CA ALA A 316 -2.49 9.26 -6.21
C ALA A 316 -3.81 10.02 -6.18
N MET A 317 -4.76 9.57 -5.35
CA MET A 317 -6.04 10.24 -5.19
C MET A 317 -5.90 11.70 -4.88
N ALA A 318 -4.95 12.01 -4.01
CA ALA A 318 -4.66 13.39 -3.65
C ALA A 318 -3.87 14.19 -4.62
N GLN A 319 -3.18 13.57 -5.59
CA GLN A 319 -2.47 14.33 -6.62
C GLN A 319 -3.44 14.63 -7.77
N GLY A 320 -4.25 13.63 -8.11
CA GLY A 320 -5.34 13.76 -9.06
C GLY A 320 -6.21 15.00 -8.73
N GLU A 321 -6.91 15.00 -7.58
CA GLU A 321 -7.74 16.12 -7.23
C GLU A 321 -6.96 17.42 -7.28
N MET A 322 -5.65 17.51 -6.96
CA MET A 322 -4.93 18.80 -6.98
C MET A 322 -4.60 19.30 -8.36
N VAL A 323 -4.31 18.38 -9.26
CA VAL A 323 -4.03 18.74 -10.64
C VAL A 323 -5.29 19.36 -11.23
N ALA A 324 -6.42 18.68 -10.99
CA ALA A 324 -7.72 19.10 -11.50
C ALA A 324 -7.98 20.53 -11.10
N GLU A 325 -7.82 20.86 -9.84
CA GLU A 325 -8.02 22.22 -9.39
C GLU A 325 -7.02 23.20 -9.97
N ILE A 326 -5.75 22.85 -10.24
CA ILE A 326 -4.79 23.80 -10.80
C ILE A 326 -5.19 24.15 -12.22
N ILE A 327 -5.57 23.16 -13.05
CA ILE A 327 -5.98 23.36 -14.43
C ILE A 327 -7.18 24.32 -14.45
N ALA A 328 -8.14 24.15 -13.53
CA ALA A 328 -9.29 25.02 -13.35
C ALA A 328 -8.99 26.36 -12.66
N GLY A 329 -7.76 26.79 -12.49
CA GLY A 329 -7.51 28.11 -11.95
C GLY A 329 -6.98 28.15 -10.55
N LYS A 330 -7.33 27.24 -9.63
CA LYS A 330 -6.91 27.38 -8.24
C LYS A 330 -5.41 27.19 -8.08
N ALA A 331 -4.82 27.99 -7.19
CA ALA A 331 -3.39 27.94 -6.94
C ALA A 331 -3.17 26.93 -5.82
N ARG A 332 -2.34 25.92 -6.06
CA ARG A 332 -2.10 24.80 -5.19
C ARG A 332 -0.61 24.43 -5.30
N ARG A 333 -0.14 23.41 -4.56
CA ARG A 333 1.22 22.91 -4.52
C ARG A 333 1.12 21.74 -3.54
N PHE A 334 1.52 20.54 -3.93
CA PHE A 334 1.41 19.36 -3.07
C PHE A 334 2.52 19.37 -2.06
N GLU A 335 2.20 19.84 -0.87
CA GLU A 335 3.10 19.68 0.25
C GLU A 335 2.21 19.24 1.40
N PRO A 336 1.80 17.96 1.45
CA PRO A 336 1.11 17.35 2.61
C PRO A 336 1.99 17.39 3.84
N ALA A 337 1.48 17.24 5.07
CA ALA A 337 2.43 17.20 6.18
C ALA A 337 3.03 15.79 6.24
N ALA A 338 2.31 14.77 5.72
CA ALA A 338 2.82 13.42 5.73
C ALA A 338 1.90 12.53 4.94
N ILE A 339 2.41 11.38 4.52
CA ILE A 339 1.63 10.43 3.77
C ILE A 339 1.81 9.21 4.63
N ALA A 340 0.68 8.94 5.23
CA ALA A 340 0.43 7.84 6.08
C ALA A 340 0.72 6.55 5.34
N ALA A 341 1.37 5.60 5.98
CA ALA A 341 1.62 4.34 5.36
C ALA A 341 1.00 3.26 6.20
N VAL A 342 0.25 2.27 5.72
CA VAL A 342 -0.26 1.26 6.61
C VAL A 342 0.07 -0.12 6.04
N CYS A 343 0.48 -1.16 6.83
CA CYS A 343 0.67 -2.53 6.37
C CYS A 343 -0.32 -3.33 7.17
N PHE A 344 -1.22 -4.02 6.49
CA PHE A 344 -2.14 -4.92 7.12
C PHE A 344 -1.51 -6.29 7.37
N THR A 345 -0.33 -6.24 8.03
CA THR A 345 0.31 -7.46 8.52
C THR A 345 -0.30 -7.84 9.88
N ASP A 346 -0.05 -8.99 10.47
CA ASP A 346 -0.50 -9.30 11.80
C ASP A 346 0.77 -9.22 12.63
N PRO A 347 1.10 -8.24 13.43
CA PRO A 347 0.33 -7.04 13.63
C PRO A 347 0.54 -6.00 12.56
N GLU A 348 -0.20 -4.91 12.67
CA GLU A 348 -0.26 -3.90 11.70
C GLU A 348 0.71 -2.89 12.11
N VAL A 349 1.33 -2.30 11.12
CA VAL A 349 2.33 -1.27 11.36
C VAL A 349 1.69 -0.10 10.66
N VAL A 350 1.94 1.10 11.12
CA VAL A 350 1.36 2.33 10.69
C VAL A 350 2.55 3.23 10.91
N VAL A 351 2.95 4.05 9.96
CA VAL A 351 4.03 5.01 10.15
C VAL A 351 3.46 6.24 9.52
N VAL A 352 3.50 7.35 10.19
CA VAL A 352 2.97 8.56 9.67
C VAL A 352 3.99 9.57 10.09
N GLY A 353 4.69 10.25 9.20
CA GLY A 353 5.62 11.29 9.58
C GLY A 353 7.04 10.72 9.76
N LYS A 354 7.92 11.51 10.39
CA LYS A 354 9.30 11.10 10.62
C LYS A 354 9.53 9.99 11.62
N THR A 355 10.40 9.04 11.23
CA THR A 355 10.90 8.07 12.19
C THR A 355 12.06 8.71 12.99
N PRO A 356 12.55 8.12 14.10
CA PRO A 356 13.69 8.64 14.86
C PRO A 356 14.88 8.80 13.91
N GLU A 357 15.19 7.70 13.18
CA GLU A 357 16.23 7.60 12.15
C GLU A 357 16.24 8.88 11.31
N GLN A 358 15.08 9.10 10.66
CA GLN A 358 14.86 10.24 9.79
C GLN A 358 15.04 11.52 10.52
N ALA A 359 14.57 11.64 11.74
CA ALA A 359 14.75 12.86 12.49
C ALA A 359 16.23 13.08 12.78
N SER A 360 17.01 12.03 12.95
CA SER A 360 18.42 12.22 13.20
C SER A 360 19.18 12.67 11.96
N GLN A 361 18.82 12.03 10.85
CA GLN A 361 19.42 12.33 9.57
C GLN A 361 19.26 13.79 9.26
N GLN A 362 18.05 14.34 9.43
CA GLN A 362 17.86 15.73 9.14
C GLN A 362 18.41 16.65 10.22
N GLY A 363 19.06 16.12 11.27
CA GLY A 363 19.73 16.88 12.32
C GLY A 363 18.82 17.58 13.32
N LEU A 364 17.87 16.80 13.84
CA LEU A 364 16.94 17.34 14.81
C LEU A 364 17.19 16.67 16.17
N ASP A 365 16.93 17.41 17.26
CA ASP A 365 17.08 16.82 18.58
C ASP A 365 15.65 16.54 19.02
N CYS A 366 15.52 15.27 19.36
CA CYS A 366 14.22 14.68 19.55
C CYS A 366 13.92 14.04 20.87
N ILE A 367 12.66 14.19 21.20
CA ILE A 367 12.11 13.44 22.28
C ILE A 367 11.48 12.33 21.48
N VAL A 368 11.77 11.11 21.80
CA VAL A 368 11.11 9.96 21.24
C VAL A 368 10.54 9.19 22.42
N ALA A 369 9.22 8.99 22.51
CA ALA A 369 8.60 8.27 23.64
C ALA A 369 7.73 7.15 23.16
N GLN A 370 7.53 6.13 23.92
CA GLN A 370 6.78 5.00 23.45
C GLN A 370 5.79 4.56 24.54
N PHE A 371 4.60 4.04 24.26
CA PHE A 371 3.74 3.42 25.24
C PHE A 371 3.23 2.13 24.64
N PRO A 372 3.45 1.00 25.30
CA PRO A 372 3.08 -0.34 24.88
C PRO A 372 1.68 -0.82 25.15
N PHE A 373 1.23 -1.82 24.39
CA PHE A 373 -0.14 -2.29 24.59
C PHE A 373 -0.30 -3.30 25.73
N ALA A 374 0.76 -3.79 26.39
CA ALA A 374 0.57 -4.72 27.51
C ALA A 374 0.06 -4.08 28.82
N ALA A 375 0.22 -2.74 28.88
CA ALA A 375 -0.24 -1.79 29.86
C ALA A 375 -1.53 -1.10 29.40
N ASN A 376 -2.30 -1.74 28.48
CA ASN A 376 -3.47 -1.13 27.84
C ASN A 376 -4.59 -2.14 27.95
N GLY A 377 -5.71 -1.69 28.54
CA GLY A 377 -6.86 -2.54 28.74
C GLY A 377 -7.57 -3.00 27.49
N ARG A 378 -7.81 -2.04 26.57
CA ARG A 378 -8.41 -2.36 25.30
C ARG A 378 -7.59 -3.47 24.66
N ALA A 379 -6.34 -3.29 24.28
CA ALA A 379 -5.43 -4.36 23.85
C ALA A 379 -5.64 -5.69 24.53
N MET A 380 -5.75 -5.77 25.84
CA MET A 380 -6.05 -7.02 26.54
C MET A 380 -7.44 -7.54 26.26
N SER A 381 -8.48 -6.72 26.12
CA SER A 381 -9.76 -7.30 25.74
C SER A 381 -9.67 -8.04 24.43
N LEU A 382 -8.78 -7.56 23.57
CA LEU A 382 -8.56 -8.00 22.20
C LEU A 382 -7.54 -9.08 21.96
N GLU A 383 -7.05 -9.74 22.98
CA GLU A 383 -5.94 -10.70 22.95
C GLU A 383 -4.64 -10.12 22.42
N SER A 384 -4.56 -8.83 22.66
CA SER A 384 -3.45 -7.94 22.51
C SER A 384 -2.69 -7.74 21.23
N LYS A 385 -1.87 -8.75 20.92
CA LYS A 385 -0.78 -8.69 19.94
C LYS A 385 -0.06 -7.33 20.16
N SER A 386 0.83 -7.53 21.14
CA SER A 386 1.56 -6.45 21.76
C SER A 386 2.53 -5.88 20.78
N GLY A 387 2.63 -4.58 20.93
CA GLY A 387 3.49 -3.72 20.17
C GLY A 387 3.40 -2.46 20.97
N PHE A 388 3.36 -1.26 20.39
CA PHE A 388 3.46 -0.02 21.15
C PHE A 388 3.01 1.09 20.24
N VAL A 389 3.03 2.32 20.72
CA VAL A 389 2.84 3.52 19.95
C VAL A 389 4.06 4.36 20.26
N ARG A 390 4.60 5.12 19.30
CA ARG A 390 5.80 5.87 19.45
C ARG A 390 5.47 7.23 18.89
N VAL A 391 6.03 8.24 19.51
CA VAL A 391 5.88 9.61 19.14
C VAL A 391 7.27 10.18 19.00
N VAL A 392 7.45 11.20 18.15
CA VAL A 392 8.72 11.82 17.86
C VAL A 392 8.49 13.30 17.87
N ALA A 393 9.13 14.08 18.73
CA ALA A 393 8.84 15.50 18.79
C ALA A 393 10.05 16.36 19.02
N ARG A 394 9.94 17.62 18.65
CA ARG A 394 11.05 18.53 18.73
C ARG A 394 11.25 18.82 20.18
N ARG A 395 12.44 18.49 20.67
CA ARG A 395 12.81 18.75 22.04
C ARG A 395 12.71 20.22 22.46
N ASP A 396 12.60 21.18 21.54
CA ASP A 396 12.51 22.57 21.93
C ASP A 396 11.11 23.17 21.94
N ASN A 397 10.16 22.65 21.17
CA ASN A 397 8.82 23.24 21.13
C ASN A 397 7.72 22.17 21.05
N HIS A 398 8.17 20.93 21.21
CA HIS A 398 7.36 19.73 21.23
C HIS A 398 6.46 19.54 20.03
N LEU A 399 6.75 20.25 18.92
CA LEU A 399 6.04 20.09 17.66
C LEU A 399 6.27 18.67 17.20
N ILE A 400 5.18 17.92 17.06
CA ILE A 400 5.24 16.53 16.70
C ILE A 400 5.63 16.36 15.24
N LEU A 401 6.62 15.49 14.99
CA LEU A 401 7.15 15.25 13.65
C LEU A 401 6.69 13.93 13.17
N GLY A 402 6.31 13.00 14.03
CA GLY A 402 5.86 11.76 13.46
C GLY A 402 5.29 10.87 14.52
N TRP A 403 4.75 9.74 14.02
CA TRP A 403 3.94 8.85 14.79
C TRP A 403 4.16 7.52 14.18
N GLN A 404 4.36 6.49 14.98
CA GLN A 404 4.46 5.17 14.43
C GLN A 404 3.79 4.28 15.44
N ALA A 405 3.21 3.18 15.03
CA ALA A 405 2.51 2.26 15.90
C ALA A 405 2.59 0.86 15.37
N VAL A 406 2.57 -0.15 16.22
CA VAL A 406 2.63 -1.57 15.84
C VAL A 406 1.62 -2.20 16.76
N GLY A 407 0.72 -3.05 16.27
CA GLY A 407 -0.21 -3.78 17.13
C GLY A 407 -1.44 -4.24 16.35
N VAL A 408 -2.26 -5.02 17.01
CA VAL A 408 -3.57 -5.45 16.55
C VAL A 408 -4.44 -4.19 16.29
N ALA A 409 -5.40 -4.17 15.32
CA ALA A 409 -6.33 -3.06 15.08
C ALA A 409 -5.91 -1.62 15.19
N VAL A 410 -4.62 -1.50 14.89
CA VAL A 410 -4.01 -0.18 14.94
C VAL A 410 -4.26 0.69 13.71
N SER A 411 -4.65 0.09 12.57
CA SER A 411 -4.72 0.84 11.31
C SER A 411 -5.49 2.11 11.37
N GLU A 412 -6.57 2.12 12.19
CA GLU A 412 -7.43 3.30 12.33
C GLU A 412 -6.89 4.43 13.17
N LEU A 413 -5.74 4.25 13.78
CA LEU A 413 -5.11 5.37 14.48
C LEU A 413 -4.46 6.31 13.51
N SER A 414 -4.19 5.81 12.26
CA SER A 414 -3.61 6.66 11.19
C SER A 414 -4.33 7.94 10.90
N THR A 415 -5.67 7.93 10.95
CA THR A 415 -6.54 9.14 10.78
C THR A 415 -6.16 10.24 11.78
N ALA A 416 -5.93 9.83 13.05
CA ALA A 416 -5.57 10.70 14.16
C ALA A 416 -4.16 11.26 13.98
N PHE A 417 -3.19 10.34 13.70
CA PHE A 417 -1.78 10.68 13.42
C PHE A 417 -1.67 11.68 12.30
N ALA A 418 -2.27 11.38 11.14
CA ALA A 418 -2.26 12.34 10.00
C ALA A 418 -2.84 13.72 10.27
N GLN A 419 -4.03 13.79 10.91
CA GLN A 419 -4.67 15.07 11.18
C GLN A 419 -3.89 15.75 12.25
N SER A 420 -3.42 15.14 13.33
CA SER A 420 -2.64 15.93 14.30
C SER A 420 -1.41 16.58 13.67
N LEU A 421 -0.77 15.83 12.77
CA LEU A 421 0.34 16.37 12.00
C LEU A 421 -0.19 17.46 11.04
N GLU A 422 -1.36 17.33 10.36
CA GLU A 422 -1.78 18.39 9.45
C GLU A 422 -2.08 19.72 10.15
N MET A 423 -2.45 19.62 11.42
CA MET A 423 -2.75 20.77 12.28
C MET A 423 -1.53 21.38 12.95
N GLY A 424 -0.43 20.64 13.08
CA GLY A 424 0.77 21.13 13.75
C GLY A 424 0.58 21.06 15.27
N ALA A 425 0.27 19.86 15.73
CA ALA A 425 0.09 19.67 17.14
C ALA A 425 1.44 19.42 17.82
N CYS A 426 1.48 19.83 19.09
CA CYS A 426 2.60 19.52 19.95
C CYS A 426 2.12 18.41 20.85
N LEU A 427 3.05 17.69 21.48
CA LEU A 427 2.75 16.67 22.48
C LEU A 427 1.65 17.01 23.47
N GLU A 428 1.65 18.27 23.93
CA GLU A 428 0.67 18.83 24.86
C GLU A 428 -0.80 18.76 24.46
N ASP A 429 -1.09 19.05 23.20
CA ASP A 429 -2.44 19.09 22.70
C ASP A 429 -3.01 17.70 22.60
N VAL A 430 -2.14 16.73 22.37
CA VAL A 430 -2.51 15.32 22.27
C VAL A 430 -2.76 14.69 23.62
N ALA A 431 -1.84 15.01 24.51
CA ALA A 431 -1.84 14.58 25.90
C ALA A 431 -3.00 15.22 26.65
N GLY A 432 -3.25 16.50 26.36
CA GLY A 432 -4.33 17.20 27.01
C GLY A 432 -5.68 17.02 26.33
N THR A 433 -5.95 15.86 25.74
CA THR A 433 -7.19 15.67 25.06
C THR A 433 -7.63 14.45 25.80
N ILE A 434 -8.93 14.46 26.16
CA ILE A 434 -9.53 13.31 26.83
C ILE A 434 -9.76 12.24 25.78
N HIS A 435 -9.20 11.07 26.01
CA HIS A 435 -9.33 9.97 25.11
C HIS A 435 -10.16 9.02 25.91
N ALA A 436 -10.98 8.35 25.16
CA ALA A 436 -12.00 7.51 25.66
C ALA A 436 -11.54 6.16 26.05
N HIS A 437 -12.13 5.63 27.15
CA HIS A 437 -11.76 4.36 27.77
C HIS A 437 -12.86 3.33 27.50
N PRO A 438 -12.54 2.07 27.27
CA PRO A 438 -11.19 1.58 27.02
C PRO A 438 -10.84 1.66 25.53
N THR A 439 -10.12 2.64 24.96
CA THR A 439 -9.72 2.40 23.57
C THR A 439 -8.19 2.24 23.32
N LEU A 440 -7.70 1.50 22.29
CA LEU A 440 -6.27 1.48 21.85
C LEU A 440 -5.64 2.88 21.73
N GLY A 441 -6.38 3.95 21.57
CA GLY A 441 -5.86 5.27 21.40
C GLY A 441 -5.57 5.95 22.65
N GLU A 442 -5.83 5.22 23.73
CA GLU A 442 -5.43 5.74 25.02
C GLU A 442 -3.92 5.71 25.00
N ALA A 443 -3.32 4.66 24.38
CA ALA A 443 -1.87 4.56 24.13
C ALA A 443 -1.26 5.76 23.41
N VAL A 444 -2.01 6.45 22.56
CA VAL A 444 -1.52 7.67 21.92
C VAL A 444 -1.47 8.82 22.90
N GLN A 445 -2.44 8.95 23.80
CA GLN A 445 -2.38 10.01 24.79
C GLN A 445 -1.25 9.75 25.80
N GLU A 446 -1.13 8.53 26.30
CA GLU A 446 -0.07 8.13 27.19
C GLU A 446 1.32 8.23 26.56
N ALA A 447 1.59 7.77 25.31
CA ALA A 447 2.89 7.95 24.66
C ALA A 447 3.23 9.43 24.61
N ALA A 448 2.26 10.35 24.51
CA ALA A 448 2.56 11.79 24.59
C ALA A 448 2.74 12.29 26.05
N LEU A 449 2.25 11.54 27.02
CA LEU A 449 2.29 12.03 28.37
C LEU A 449 3.69 11.69 28.87
N ARG A 450 4.15 10.53 28.41
CA ARG A 450 5.45 10.01 28.77
C ARG A 450 6.55 10.90 28.23
N ALA A 451 6.47 11.41 27.00
CA ALA A 451 7.48 12.30 26.42
C ALA A 451 7.59 13.57 27.21
N LEU A 452 6.46 13.95 27.77
CA LEU A 452 6.42 15.12 28.61
C LEU A 452 6.92 14.85 30.04
N GLY A 453 7.12 13.60 30.41
CA GLY A 453 7.63 13.30 31.72
C GLY A 453 6.57 12.82 32.69
N HIS A 454 5.27 12.74 32.33
CA HIS A 454 4.24 12.26 33.27
C HIS A 454 3.06 11.36 32.90
N ALA A 455 3.47 10.12 32.57
CA ALA A 455 2.52 9.09 32.22
C ALA A 455 1.95 8.42 33.48
N LEU A 456 0.75 7.91 33.27
CA LEU A 456 -0.04 7.39 34.35
C LEU A 456 -0.17 5.92 34.43
N HIS A 457 -0.03 5.15 33.34
CA HIS A 457 -0.25 3.71 33.44
C HIS A 457 0.95 2.83 33.09
N ILE A 458 2.06 3.57 32.99
CA ILE A 458 3.39 2.98 32.79
C ILE A 458 4.21 3.91 33.63
#